data_1LFM
#
_entry.id   1LFM
#
_cell.length_a   74.175
_cell.length_b   74.175
_cell.length_c   35.561
_cell.angle_alpha   90.00
_cell.angle_beta   90.00
_cell.angle_gamma   90.00
#
_symmetry.space_group_name_H-M   'P 43'
#
loop_
_entity.id
_entity.type
_entity.pdbx_description
1 polymer 'CYTOCHROME C'
2 non-polymer 'PROTOPORPHYRIN IX CONTAINING CO'
3 water water
#
_entity_poly.entity_id   1
_entity_poly.type   'polypeptide(L)'
_entity_poly.pdbx_seq_one_letter_code
;GDVAKGKKTFVQKCAQCHTVENGGKHKVGPNLWGLFGRKTGQAEGYSYTDANKSKGIVWNNDTLMEYLENPKKYIPGTKM
IFAGIKKKGERQDLVAYLKSATS
;
_entity_poly.pdbx_strand_id   A,B
#
# COMPACT_ATOMS: atom_id res chain seq x y z
N GLY A 1 -16.43 8.25 8.32
CA GLY A 1 -16.16 7.31 7.15
C GLY A 1 -15.61 5.97 7.60
N ASP A 2 -15.36 5.09 6.63
CA ASP A 2 -14.86 3.74 6.90
C ASP A 2 -13.33 3.73 6.87
N VAL A 3 -12.73 3.64 8.05
CA VAL A 3 -11.28 3.69 8.20
C VAL A 3 -10.58 2.57 7.43
N ALA A 4 -11.10 1.35 7.50
CA ALA A 4 -10.45 0.26 6.79
C ALA A 4 -10.47 0.49 5.27
N LYS A 5 -11.58 0.97 4.71
CA LYS A 5 -11.59 1.26 3.27
C LYS A 5 -10.64 2.45 2.98
N GLY A 6 -10.65 3.46 3.83
CA GLY A 6 -9.78 4.61 3.58
C GLY A 6 -8.31 4.21 3.59
N LYS A 7 -7.95 3.26 4.44
CA LYS A 7 -6.58 2.77 4.52
C LYS A 7 -6.12 2.17 3.20
N LYS A 8 -6.95 1.31 2.62
CA LYS A 8 -6.58 0.70 1.36
C LYS A 8 -6.43 1.78 0.29
N THR A 9 -7.34 2.77 0.29
CA THR A 9 -7.21 3.85 -0.66
C THR A 9 -5.89 4.57 -0.44
N PHE A 10 -5.54 4.82 0.81
CA PHE A 10 -4.28 5.51 1.07
C PHE A 10 -3.07 4.72 0.57
N VAL A 11 -3.05 3.42 0.86
CA VAL A 11 -1.93 2.62 0.39
C VAL A 11 -1.84 2.62 -1.13
N GLN A 12 -3.01 2.53 -1.80
CA GLN A 12 -3.01 2.49 -3.24
C GLN A 12 -2.65 3.81 -3.95
N LYS A 13 -3.14 4.93 -3.41
CA LYS A 13 -3.04 6.21 -4.09
C LYS A 13 -2.16 7.26 -3.45
N CYS A 14 -1.79 7.05 -2.21
CA CYS A 14 -1.02 8.06 -1.47
C CYS A 14 0.33 7.64 -0.89
N ALA A 15 0.41 6.38 -0.43
CA ALA A 15 1.62 5.90 0.20
C ALA A 15 2.93 6.07 -0.56
N GLN A 16 2.87 6.04 -1.89
CA GLN A 16 4.08 6.21 -2.67
C GLN A 16 4.73 7.55 -2.38
N CYS A 17 3.94 8.51 -1.88
CA CYS A 17 4.49 9.84 -1.62
C CYS A 17 4.34 10.31 -0.20
N HIS A 18 3.74 9.50 0.68
CA HIS A 18 3.48 9.94 2.04
C HIS A 18 3.49 8.83 3.07
N THR A 19 3.94 9.21 4.27
CA THR A 19 3.86 8.34 5.44
C THR A 19 2.88 9.08 6.38
N VAL A 20 2.32 8.35 7.34
CA VAL A 20 1.38 8.93 8.29
C VAL A 20 1.84 8.85 9.76
N GLU A 21 2.71 7.91 10.08
CA GLU A 21 3.10 7.73 11.49
C GLU A 21 3.95 8.84 12.10
N ASN A 22 3.92 8.91 13.43
CA ASN A 22 4.71 9.89 14.19
C ASN A 22 6.20 9.58 13.97
N GLY A 23 6.96 10.54 13.45
CA GLY A 23 8.38 10.33 13.19
C GLY A 23 8.62 9.79 11.80
N GLY A 24 7.53 9.50 11.09
CA GLY A 24 7.61 8.95 9.75
C GLY A 24 8.41 9.81 8.82
N LYS A 25 8.99 9.20 7.79
CA LYS A 25 9.81 9.99 6.90
C LYS A 25 9.07 10.73 5.82
N HIS A 26 9.69 11.80 5.36
CA HIS A 26 9.16 12.55 4.24
C HIS A 26 9.66 11.74 3.03
N LYS A 27 8.76 11.50 2.08
CA LYS A 27 9.08 10.84 0.83
C LYS A 27 8.95 11.99 -0.22
N VAL A 28 8.24 11.76 -1.33
CA VAL A 28 8.07 12.82 -2.31
C VAL A 28 7.36 13.96 -1.61
N GLY A 29 6.32 13.59 -0.83
CA GLY A 29 5.56 14.57 -0.06
C GLY A 29 5.85 14.43 1.43
N PRO A 30 5.29 15.31 2.26
CA PRO A 30 5.49 15.32 3.70
C PRO A 30 4.79 14.27 4.49
N ASN A 31 5.47 13.85 5.56
CA ASN A 31 4.84 12.97 6.52
C ASN A 31 3.58 13.75 6.99
N LEU A 32 2.48 13.06 7.26
CA LEU A 32 1.22 13.71 7.60
C LEU A 32 0.81 13.63 9.08
N TRP A 33 1.72 13.19 9.96
CA TRP A 33 1.36 13.13 11.36
C TRP A 33 0.99 14.53 11.86
N GLY A 34 -0.11 14.64 12.59
CA GLY A 34 -0.51 15.94 13.14
C GLY A 34 -1.20 16.88 12.17
N LEU A 35 -1.58 16.35 11.02
CA LEU A 35 -2.23 17.12 9.98
C LEU A 35 -3.47 17.88 10.41
N PHE A 36 -4.40 17.21 11.14
CA PHE A 36 -5.64 17.89 11.47
C PHE A 36 -5.51 19.00 12.50
N GLY A 37 -6.22 20.10 12.25
CA GLY A 37 -6.17 21.25 13.15
C GLY A 37 -4.96 22.15 12.94
N ARG A 38 -4.12 21.82 11.96
CA ARG A 38 -2.92 22.58 11.69
C ARG A 38 -3.06 23.31 10.36
N LYS A 39 -2.42 24.47 10.25
CA LYS A 39 -2.44 25.21 9.01
C LYS A 39 -1.69 24.48 7.91
N THR A 40 -1.97 24.85 6.68
CA THR A 40 -1.25 24.20 5.60
C THR A 40 0.26 24.44 5.64
N GLY A 41 1.02 23.45 5.14
CA GLY A 41 2.46 23.56 4.98
C GLY A 41 3.29 23.68 6.24
N GLN A 42 2.89 22.93 7.28
CA GLN A 42 3.59 23.02 8.57
C GLN A 42 4.30 21.78 9.06
N ALA A 43 4.43 20.76 8.21
CA ALA A 43 5.16 19.56 8.68
C ALA A 43 6.60 20.00 8.91
N GLU A 44 7.17 19.57 10.02
CA GLU A 44 8.52 19.95 10.36
C GLU A 44 9.56 19.40 9.39
N GLY A 45 10.46 20.27 8.93
CA GLY A 45 11.52 19.79 8.07
C GLY A 45 11.20 19.44 6.62
N TYR A 46 9.99 19.71 6.18
CA TYR A 46 9.65 19.42 4.78
C TYR A 46 9.71 20.74 4.00
N SER A 47 10.24 20.71 2.78
CA SER A 47 10.32 21.93 1.97
C SER A 47 9.12 22.02 1.04
N TYR A 48 8.13 22.79 1.44
CA TYR A 48 6.92 23.00 0.68
C TYR A 48 7.06 24.08 -0.38
N THR A 49 6.18 24.04 -1.37
CA THR A 49 6.12 25.14 -2.29
C THR A 49 5.60 26.36 -1.47
N ASP A 50 5.83 27.56 -2.00
CA ASP A 50 5.31 28.75 -1.35
C ASP A 50 3.79 28.66 -1.33
N ALA A 51 3.20 28.08 -2.37
CA ALA A 51 1.74 27.94 -2.45
C ALA A 51 1.18 27.09 -1.30
N ASN A 52 1.80 25.94 -1.02
CA ASN A 52 1.29 25.09 0.06
C ASN A 52 1.53 25.79 1.41
N LYS A 53 2.61 26.58 1.52
CA LYS A 53 2.84 27.28 2.78
C LYS A 53 1.89 28.45 2.99
N SER A 54 1.51 29.10 1.89
CA SER A 54 0.68 30.28 1.98
C SER A 54 -0.79 30.11 1.91
N LYS A 55 -1.27 28.92 1.55
CA LYS A 55 -2.73 28.77 1.42
C LYS A 55 -3.41 29.32 2.70
N GLY A 56 -2.89 28.96 3.86
CA GLY A 56 -3.33 29.61 5.09
C GLY A 56 -4.54 29.14 5.83
N ILE A 57 -5.16 28.11 5.30
CA ILE A 57 -6.33 27.56 5.95
C ILE A 57 -5.93 26.44 6.92
N VAL A 58 -6.86 26.07 7.78
CA VAL A 58 -6.60 24.98 8.71
C VAL A 58 -7.13 23.66 8.12
N TRP A 59 -6.33 22.63 8.13
CA TRP A 59 -6.80 21.33 7.65
C TRP A 59 -7.81 20.72 8.65
N ASN A 60 -8.96 20.33 8.12
CA ASN A 60 -10.01 19.64 8.89
C ASN A 60 -10.82 18.85 7.87
N ASN A 61 -11.92 18.24 8.30
CA ASN A 61 -12.72 17.46 7.39
C ASN A 61 -13.18 18.25 6.17
N ASP A 62 -13.71 19.44 6.41
CA ASP A 62 -14.21 20.28 5.37
C ASP A 62 -13.12 20.65 4.32
N THR A 63 -11.99 21.15 4.78
CA THR A 63 -10.97 21.55 3.82
C THR A 63 -10.26 20.38 3.12
N LEU A 64 -10.04 19.27 3.84
CA LEU A 64 -9.38 18.12 3.20
C LEU A 64 -10.31 17.51 2.16
N MET A 65 -11.61 17.46 2.45
CA MET A 65 -12.52 16.91 1.46
C MET A 65 -12.48 17.74 0.18
N GLU A 66 -12.40 19.07 0.30
CA GLU A 66 -12.39 19.91 -0.89
C GLU A 66 -11.06 19.75 -1.61
N TYR A 67 -9.98 19.82 -0.85
CA TYR A 67 -8.64 19.69 -1.44
C TYR A 67 -8.41 18.36 -2.19
N LEU A 68 -8.75 17.25 -1.56
CA LEU A 68 -8.47 15.94 -2.15
C LEU A 68 -9.28 15.66 -3.40
N GLU A 69 -10.36 16.41 -3.61
CA GLU A 69 -11.10 16.25 -4.86
C GLU A 69 -10.32 16.76 -6.06
N ASN A 70 -9.53 17.80 -5.84
CA ASN A 70 -8.77 18.41 -6.92
C ASN A 70 -7.68 19.26 -6.26
N PRO A 71 -6.54 18.63 -5.98
CA PRO A 71 -5.45 19.36 -5.31
C PRO A 71 -4.97 20.64 -5.93
N LYS A 72 -4.68 20.64 -7.23
CA LYS A 72 -4.18 21.85 -7.84
C LYS A 72 -5.20 22.97 -7.91
N LYS A 73 -6.49 22.66 -7.92
CA LYS A 73 -7.50 23.72 -7.96
C LYS A 73 -7.48 24.43 -6.62
N TYR A 74 -7.35 23.67 -5.55
CA TYR A 74 -7.35 24.27 -4.23
C TYR A 74 -6.01 24.94 -3.89
N ILE A 75 -4.91 24.34 -4.33
CA ILE A 75 -3.60 24.95 -4.09
C ILE A 75 -2.84 25.11 -5.42
N PRO A 76 -3.21 26.15 -6.19
CA PRO A 76 -2.54 26.38 -7.47
C PRO A 76 -1.05 26.59 -7.23
N GLY A 77 -0.24 25.92 -8.04
CA GLY A 77 1.21 25.98 -7.86
C GLY A 77 1.75 24.84 -7.00
N THR A 78 0.88 23.98 -6.48
CA THR A 78 1.38 22.89 -5.66
C THR A 78 2.22 21.92 -6.44
N LYS A 79 3.19 21.29 -5.76
CA LYS A 79 4.04 20.30 -6.41
C LYS A 79 3.51 18.89 -6.10
N MET A 80 2.35 18.78 -5.44
CA MET A 80 1.74 17.49 -5.26
C MET A 80 1.00 17.25 -6.60
N ILE A 81 1.52 16.32 -7.39
CA ILE A 81 0.96 16.02 -8.68
C ILE A 81 0.10 14.76 -8.57
N PHE A 82 -1.20 15.00 -8.40
CA PHE A 82 -2.20 13.95 -8.18
C PHE A 82 -3.52 14.56 -8.53
N ALA A 83 -4.30 13.84 -9.35
CA ALA A 83 -5.54 14.40 -9.84
C ALA A 83 -6.69 14.62 -8.87
N GLY A 84 -6.73 13.81 -7.84
CA GLY A 84 -7.77 13.89 -6.84
C GLY A 84 -8.59 12.59 -6.79
N ILE A 85 -9.29 12.42 -5.67
CA ILE A 85 -10.21 11.28 -5.46
C ILE A 85 -11.56 11.95 -5.84
N LYS A 86 -12.15 11.56 -6.97
CA LYS A 86 -13.35 12.22 -7.42
C LYS A 86 -14.63 11.78 -6.70
N LYS A 87 -14.71 10.52 -6.28
CA LYS A 87 -15.91 10.07 -5.60
C LYS A 87 -15.97 10.56 -4.16
N LYS A 88 -17.05 11.24 -3.81
CA LYS A 88 -17.19 11.73 -2.45
C LYS A 88 -17.06 10.65 -1.37
N GLY A 89 -17.70 9.50 -1.56
CA GLY A 89 -17.59 8.47 -0.54
C GLY A 89 -16.19 7.94 -0.29
N GLU A 90 -15.44 7.80 -1.37
CA GLU A 90 -14.08 7.30 -1.31
C GLU A 90 -13.25 8.36 -0.60
N ARG A 91 -13.54 9.62 -0.88
CA ARG A 91 -12.79 10.69 -0.26
C ARG A 91 -13.10 10.74 1.24
N GLN A 92 -14.38 10.58 1.60
CA GLN A 92 -14.75 10.61 3.01
C GLN A 92 -14.10 9.45 3.81
N ASP A 93 -14.08 8.24 3.24
CA ASP A 93 -13.46 7.11 3.90
C ASP A 93 -11.95 7.38 4.03
N LEU A 94 -11.36 7.96 3.00
CA LEU A 94 -9.93 8.30 3.10
C LEU A 94 -9.69 9.34 4.22
N VAL A 95 -10.52 10.39 4.30
CA VAL A 95 -10.37 11.36 5.39
C VAL A 95 -10.55 10.67 6.73
N ALA A 96 -11.49 9.74 6.85
CA ALA A 96 -11.66 9.03 8.11
C ALA A 96 -10.36 8.31 8.52
N TYR A 97 -9.73 7.66 7.55
CA TYR A 97 -8.48 6.95 7.81
C TYR A 97 -7.40 7.96 8.20
N LEU A 98 -7.29 9.07 7.46
CA LEU A 98 -6.27 10.05 7.80
C LEU A 98 -6.44 10.57 9.22
N LYS A 99 -7.67 10.87 9.60
CA LYS A 99 -7.93 11.38 10.95
C LYS A 99 -7.48 10.37 11.98
N SER A 100 -7.74 9.10 11.70
CA SER A 100 -7.38 8.04 12.65
C SER A 100 -5.89 7.75 12.72
N ALA A 101 -5.22 7.83 11.58
CA ALA A 101 -3.80 7.48 11.50
C ALA A 101 -2.78 8.59 11.76
N THR A 102 -3.24 9.83 11.84
CA THR A 102 -2.31 10.91 12.03
C THR A 102 -2.31 11.54 13.42
N SER A 103 -2.96 10.88 14.38
CA SER A 103 -2.96 11.35 15.78
C SER A 103 -3.22 10.13 16.65
N GLY B 1 2.16 -6.17 10.47
CA GLY B 1 3.27 -5.41 9.81
C GLY B 1 2.75 -4.14 9.16
N ASP B 2 3.68 -3.35 8.60
CA ASP B 2 3.31 -2.10 7.95
C ASP B 2 2.95 -2.31 6.47
N VAL B 3 1.65 -2.19 6.21
CA VAL B 3 1.13 -2.40 4.86
C VAL B 3 1.78 -1.51 3.80
N ALA B 4 1.89 -0.20 4.08
CA ALA B 4 2.52 0.69 3.10
C ALA B 4 3.98 0.29 2.82
N LYS B 5 4.74 -0.09 3.84
CA LYS B 5 6.12 -0.53 3.58
C LYS B 5 6.11 -1.80 2.75
N GLY B 6 5.16 -2.69 3.06
CA GLY B 6 5.05 -3.94 2.32
C GLY B 6 4.73 -3.71 0.85
N LYS B 7 3.92 -2.69 0.57
CA LYS B 7 3.59 -2.35 -0.81
C LYS B 7 4.85 -1.99 -1.57
N LYS B 8 5.72 -1.19 -0.97
CA LYS B 8 6.94 -0.79 -1.69
C LYS B 8 7.79 -2.04 -2.00
N THR B 9 7.94 -2.92 -1.01
CA THR B 9 8.70 -4.12 -1.24
C THR B 9 8.10 -4.93 -2.36
N PHE B 10 6.76 -5.01 -2.40
CA PHE B 10 6.10 -5.80 -3.43
C PHE B 10 6.38 -5.20 -4.80
N VAL B 11 6.21 -3.88 -4.91
CA VAL B 11 6.44 -3.28 -6.22
C VAL B 11 7.88 -3.46 -6.68
N GLN B 12 8.82 -3.37 -5.74
CA GLN B 12 10.21 -3.52 -6.10
C GLN B 12 10.72 -4.94 -6.37
N LYS B 13 10.23 -5.92 -5.58
CA LYS B 13 10.75 -7.28 -5.68
C LYS B 13 9.82 -8.34 -6.24
N CYS B 14 8.54 -8.02 -6.37
CA CYS B 14 7.57 -9.03 -6.80
C CYS B 14 6.76 -8.69 -8.04
N ALA B 15 6.48 -7.39 -8.25
CA ALA B 15 5.62 -6.97 -9.35
C ALA B 15 6.06 -7.35 -10.75
N GLN B 16 7.35 -7.60 -10.91
CA GLN B 16 7.83 -7.96 -12.24
C GLN B 16 7.27 -9.32 -12.63
N CYS B 17 6.96 -10.14 -11.64
CA CYS B 17 6.40 -11.45 -11.96
C CYS B 17 4.97 -11.68 -11.51
N HIS B 18 4.39 -10.74 -10.78
CA HIS B 18 3.06 -10.91 -10.22
C HIS B 18 2.20 -9.68 -10.18
N THR B 19 0.90 -9.91 -10.27
CA THR B 19 -0.09 -8.87 -10.01
C THR B 19 -0.81 -9.37 -8.75
N VAL B 20 -1.35 -8.45 -7.97
CA VAL B 20 -2.12 -8.82 -6.78
C VAL B 20 -3.58 -8.47 -6.91
N GLU B 21 -3.88 -7.54 -7.82
CA GLU B 21 -5.25 -7.08 -7.89
C GLU B 21 -6.29 -8.10 -8.35
N ASN B 22 -7.51 -7.85 -7.91
CA ASN B 22 -8.63 -8.69 -8.28
C ASN B 22 -8.83 -8.57 -9.79
N GLY B 23 -8.68 -9.69 -10.49
CA GLY B 23 -8.82 -9.71 -11.94
C GLY B 23 -7.51 -9.42 -12.64
N GLY B 24 -6.44 -9.29 -11.85
CA GLY B 24 -5.15 -9.04 -12.45
C GLY B 24 -4.67 -10.20 -13.28
N LYS B 25 -3.82 -9.92 -14.26
CA LYS B 25 -3.36 -10.97 -15.14
C LYS B 25 -2.21 -11.79 -14.59
N HIS B 26 -2.09 -12.98 -15.17
CA HIS B 26 -0.95 -13.83 -14.84
C HIS B 26 0.21 -13.29 -15.67
N LYS B 27 1.41 -13.37 -15.10
CA LYS B 27 2.59 -12.90 -15.81
C LYS B 27 3.55 -14.08 -15.72
N VAL B 28 4.82 -13.82 -15.40
CA VAL B 28 5.74 -14.97 -15.24
C VAL B 28 5.17 -15.86 -14.13
N GLY B 29 4.62 -15.22 -13.08
CA GLY B 29 4.00 -15.98 -12.01
C GLY B 29 2.51 -15.65 -11.95
N PRO B 30 1.77 -16.38 -11.13
CA PRO B 30 0.33 -16.17 -11.01
C PRO B 30 -0.17 -14.92 -10.35
N ASN B 31 -1.33 -14.47 -10.83
CA ASN B 31 -1.98 -13.36 -10.15
C ASN B 31 -2.26 -13.92 -8.75
N LEU B 32 -2.16 -13.06 -7.75
CA LEU B 32 -2.32 -13.51 -6.36
C LEU B 32 -3.63 -13.21 -5.63
N TRP B 33 -4.63 -12.65 -6.33
CA TRP B 33 -5.91 -12.40 -5.68
C TRP B 33 -6.49 -13.67 -5.10
N GLY B 34 -6.94 -13.60 -3.85
CA GLY B 34 -7.56 -14.75 -3.18
C GLY B 34 -6.60 -15.69 -2.50
N LEU B 35 -5.35 -15.27 -2.40
CA LEU B 35 -4.29 -16.11 -1.84
C LEU B 35 -4.52 -16.70 -0.47
N PHE B 36 -4.88 -15.84 0.49
CA PHE B 36 -5.05 -16.32 1.86
C PHE B 36 -6.20 -17.26 2.04
N GLY B 37 -5.93 -18.28 2.84
CA GLY B 37 -6.95 -19.28 3.11
C GLY B 37 -7.10 -20.34 2.05
N ARG B 38 -6.35 -20.23 0.97
CA ARG B 38 -6.44 -21.17 -0.13
C ARG B 38 -5.20 -22.04 -0.18
N LYS B 39 -5.38 -23.26 -0.63
CA LYS B 39 -4.25 -24.16 -0.75
C LYS B 39 -3.29 -23.71 -1.83
N THR B 40 -2.07 -24.22 -1.79
CA THR B 40 -1.06 -23.85 -2.78
C THR B 40 -1.44 -24.27 -4.22
N GLY B 41 -1.01 -23.48 -5.21
CA GLY B 41 -1.22 -23.81 -6.61
C GLY B 41 -2.63 -23.80 -7.12
N GLN B 42 -3.44 -22.86 -6.62
CA GLN B 42 -4.85 -22.81 -6.98
C GLN B 42 -5.36 -21.63 -7.79
N ALA B 43 -4.51 -20.72 -8.23
CA ALA B 43 -4.99 -19.62 -9.06
C ALA B 43 -5.47 -20.23 -10.40
N GLU B 44 -6.74 -20.00 -10.72
CA GLU B 44 -7.27 -20.53 -11.96
C GLU B 44 -6.61 -19.95 -13.22
N GLY B 45 -6.34 -20.82 -14.18
CA GLY B 45 -5.76 -20.36 -15.44
C GLY B 45 -4.24 -20.27 -15.49
N TYR B 46 -3.57 -20.55 -14.39
CA TYR B 46 -2.12 -20.49 -14.38
C TYR B 46 -1.55 -21.88 -14.34
N SER B 47 -0.48 -22.12 -15.11
CA SER B 47 0.15 -23.45 -15.11
C SER B 47 1.31 -23.51 -14.13
N TYR B 48 1.02 -24.10 -12.99
CA TYR B 48 1.99 -24.29 -11.92
C TYR B 48 2.83 -25.55 -12.09
N THR B 49 3.98 -25.56 -11.42
CA THR B 49 4.74 -26.81 -11.39
C THR B 49 3.91 -27.80 -10.54
N ASP B 50 4.15 -29.10 -10.74
CA ASP B 50 3.49 -30.09 -9.89
C ASP B 50 3.87 -29.80 -8.42
N ALA B 51 5.11 -29.36 -8.18
CA ALA B 51 5.54 -29.08 -6.80
C ALA B 51 4.67 -28.00 -6.13
N ASN B 52 4.40 -26.90 -6.84
CA ASN B 52 3.57 -25.83 -6.24
C ASN B 52 2.13 -26.34 -6.05
N LYS B 53 1.65 -27.24 -6.91
CA LYS B 53 0.27 -27.74 -6.71
C LYS B 53 0.20 -28.78 -5.60
N SER B 54 1.26 -29.56 -5.45
CA SER B 54 1.30 -30.63 -4.46
C SER B 54 1.69 -30.29 -3.04
N LYS B 55 2.29 -29.12 -2.83
CA LYS B 55 2.72 -28.79 -1.48
C LYS B 55 1.57 -29.07 -0.52
N GLY B 56 0.38 -28.60 -0.88
CA GLY B 56 -0.80 -28.95 -0.09
C GLY B 56 -1.19 -28.23 1.16
N ILE B 57 -0.41 -27.23 1.55
CA ILE B 57 -0.70 -26.46 2.75
C ILE B 57 -1.57 -25.29 2.38
N VAL B 58 -2.11 -24.63 3.38
CA VAL B 58 -2.96 -23.45 3.17
C VAL B 58 -2.14 -22.18 3.38
N TRP B 59 -2.18 -21.27 2.39
CA TRP B 59 -1.44 -20.02 2.55
C TRP B 59 -2.11 -19.14 3.59
N ASN B 60 -1.31 -18.62 4.51
CA ASN B 60 -1.78 -17.69 5.54
C ASN B 60 -0.51 -17.01 6.08
N ASN B 61 -0.63 -16.15 7.07
CA ASN B 61 0.51 -15.43 7.60
C ASN B 61 1.75 -16.26 7.86
N ASP B 62 1.56 -17.37 8.58
CA ASP B 62 2.68 -18.20 8.96
C ASP B 62 3.34 -18.94 7.80
N THR B 63 2.53 -19.54 6.95
CA THR B 63 3.13 -20.31 5.88
C THR B 63 3.75 -19.36 4.83
N LEU B 64 3.17 -18.17 4.63
CA LEU B 64 3.77 -17.21 3.67
C LEU B 64 5.06 -16.67 4.21
N MET B 65 5.10 -16.43 5.52
CA MET B 65 6.31 -15.94 6.16
C MET B 65 7.47 -16.95 5.98
N GLU B 66 7.19 -18.25 6.14
CA GLU B 66 8.25 -19.25 5.98
C GLU B 66 8.63 -19.36 4.51
N TYR B 67 7.62 -19.46 3.66
CA TYR B 67 7.90 -19.56 2.21
C TYR B 67 8.75 -18.42 1.64
N LEU B 68 8.36 -17.17 1.94
CA LEU B 68 9.03 -16.02 1.39
C LEU B 68 10.45 -15.84 1.89
N GLU B 69 10.83 -16.51 2.98
CA GLU B 69 12.22 -16.43 3.47
C GLU B 69 13.13 -17.23 2.52
N ASN B 70 12.61 -18.30 1.95
CA ASN B 70 13.39 -19.16 1.05
C ASN B 70 12.39 -20.04 0.28
N PRO B 71 11.94 -19.50 -0.86
CA PRO B 71 10.95 -20.21 -1.71
C PRO B 71 11.30 -21.64 -2.09
N LYS B 72 12.51 -21.85 -2.61
CA LYS B 72 12.88 -23.19 -3.05
C LYS B 72 13.03 -24.21 -1.92
N LYS B 73 13.40 -23.76 -0.70
CA LYS B 73 13.50 -24.68 0.42
C LYS B 73 12.09 -25.15 0.78
N TYR B 74 11.12 -24.25 0.71
CA TYR B 74 9.76 -24.62 1.08
C TYR B 74 9.06 -25.42 0.01
N ILE B 75 9.31 -25.10 -1.26
CA ILE B 75 8.70 -25.82 -2.37
C ILE B 75 9.78 -26.27 -3.34
N PRO B 76 10.50 -27.35 -3.00
CA PRO B 76 11.55 -27.83 -3.90
C PRO B 76 10.93 -28.17 -5.23
N GLY B 77 11.57 -27.70 -6.31
CA GLY B 77 11.07 -27.95 -7.65
C GLY B 77 10.31 -26.74 -8.17
N THR B 78 10.07 -25.73 -7.34
CA THR B 78 9.30 -24.59 -7.82
C THR B 78 10.00 -23.85 -8.96
N LYS B 79 9.21 -23.26 -9.85
CA LYS B 79 9.79 -22.47 -10.92
C LYS B 79 9.80 -20.98 -10.54
N MET B 80 9.46 -20.65 -9.30
CA MET B 80 9.59 -19.26 -8.84
C MET B 80 11.05 -19.14 -8.44
N ILE B 81 11.83 -18.43 -9.24
CA ILE B 81 13.26 -18.31 -9.01
C ILE B 81 13.47 -16.95 -8.36
N PHE B 82 13.58 -16.97 -7.02
CA PHE B 82 13.73 -15.78 -6.17
C PHE B 82 14.30 -16.26 -4.84
N ALA B 83 15.40 -15.63 -4.42
CA ALA B 83 16.10 -16.04 -3.22
C ALA B 83 15.30 -15.93 -1.93
N GLY B 84 14.48 -14.88 -1.85
CA GLY B 84 13.64 -14.68 -0.69
C GLY B 84 13.90 -13.36 0.01
N ILE B 85 12.95 -12.94 0.83
CA ILE B 85 13.09 -11.73 1.64
C ILE B 85 13.73 -12.24 2.96
N LYS B 86 15.02 -11.97 3.18
CA LYS B 86 15.69 -12.50 4.34
C LYS B 86 15.41 -11.86 5.69
N LYS B 87 15.13 -10.54 5.73
CA LYS B 87 14.83 -9.87 7.00
C LYS B 87 13.40 -10.14 7.43
N LYS B 88 13.23 -10.61 8.66
CA LYS B 88 11.90 -10.91 9.18
C LYS B 88 10.95 -9.73 9.13
N GLY B 89 11.43 -8.55 9.55
CA GLY B 89 10.56 -7.38 9.56
C GLY B 89 10.01 -7.03 8.18
N GLU B 90 10.88 -7.04 7.20
CA GLU B 90 10.50 -6.74 5.81
C GLU B 90 9.53 -7.80 5.32
N ARG B 91 9.78 -9.06 5.69
CA ARG B 91 8.88 -10.15 5.29
C ARG B 91 7.50 -9.93 5.91
N GLN B 92 7.47 -9.56 7.20
CA GLN B 92 6.22 -9.32 7.90
C GLN B 92 5.41 -8.22 7.21
N ASP B 93 6.06 -7.09 6.87
CA ASP B 93 5.38 -5.96 6.22
C ASP B 93 4.85 -6.40 4.86
N LEU B 94 5.66 -7.15 4.13
CA LEU B 94 5.24 -7.65 2.81
C LEU B 94 4.02 -8.57 2.95
N VAL B 95 4.03 -9.47 3.94
CA VAL B 95 2.91 -10.36 4.11
C VAL B 95 1.67 -9.53 4.47
N ALA B 96 1.85 -8.49 5.30
CA ALA B 96 0.71 -7.62 5.66
C ALA B 96 0.15 -6.95 4.40
N TYR B 97 1.01 -6.55 3.48
CA TYR B 97 0.52 -5.91 2.26
C TYR B 97 -0.23 -6.95 1.45
N LEU B 98 0.32 -8.15 1.33
CA LEU B 98 -0.37 -9.17 0.57
C LEU B 98 -1.74 -9.45 1.17
N LYS B 99 -1.86 -9.45 2.50
CA LYS B 99 -3.15 -9.72 3.15
C LYS B 99 -4.18 -8.65 2.74
N SER B 100 -3.73 -7.40 2.72
CA SER B 100 -4.58 -6.26 2.36
C SER B 100 -4.97 -6.21 0.89
N ALA B 101 -4.02 -6.53 0.02
CA ALA B 101 -4.24 -6.40 -1.43
C ALA B 101 -4.82 -7.56 -2.17
N THR B 102 -4.92 -8.72 -1.50
CA THR B 102 -5.45 -9.88 -2.18
C THR B 102 -6.83 -10.30 -1.73
N SER B 103 -7.51 -9.42 -1.00
CA SER B 103 -8.92 -9.64 -0.64
C SER B 103 -9.47 -8.27 -0.29
#